data_3L26
#
_entry.id   3L26
#
_cell.length_a   81.025
_cell.length_b   81.025
_cell.length_c   90.249
_cell.angle_alpha   90.00
_cell.angle_beta   90.00
_cell.angle_gamma   90.00
#
_symmetry.space_group_name_H-M   'P 43 21 2'
#
loop_
_entity.id
_entity.type
_entity.pdbx_description
1 polymer 'Polymerase cofactor VP35'
2 polymer "RNA (5'-R(*CP*GP*CP*AP*UP*GP*CP*G)-3')"
3 non-polymer 'MAGNESIUM ION'
4 non-polymer 'CHLORIDE ION'
5 water water
#
loop_
_entity_poly.entity_id
_entity_poly.type
_entity_poly.pdbx_seq_one_letter_code
_entity_poly.pdbx_strand_id
1 'polypeptide(L)'
;GHMGKPDISAKDLRNIMYDHLPGFGTAFHQLVQVICKLGKDSNSLDIIHAEFQASLAEGDSPQCALIQITKRVPIFQDAA
PPVIHIRSRGDIPRACQKSLRPVPPSPKIDRGWVCVFQLQDGKTLGLKI
;
A,B
2 'polyribonucleotide' CGCAUGCG C
#
loop_
_chem_comp.id
_chem_comp.type
_chem_comp.name
_chem_comp.formula
A RNA linking ADENOSINE-5'-MONOPHOSPHATE 'C10 H14 N5 O7 P'
C RNA linking CYTIDINE-5'-MONOPHOSPHATE 'C9 H14 N3 O8 P'
CL non-polymer 'CHLORIDE ION' 'Cl -1'
G RNA linking GUANOSINE-5'-MONOPHOSPHATE 'C10 H14 N5 O8 P'
MG non-polymer 'MAGNESIUM ION' 'Mg 2'
U RNA linking URIDINE-5'-MONOPHOSPHATE 'C9 H13 N2 O9 P'
#
# COMPACT_ATOMS: atom_id res chain seq x y z
N ASP A 7 -4.84 31.23 -1.86
CA ASP A 7 -5.13 31.08 -0.40
C ASP A 7 -3.91 30.46 0.30
N ILE A 8 -3.34 29.43 -0.32
CA ILE A 8 -2.00 28.96 0.04
C ILE A 8 -1.21 28.72 -1.24
N SER A 9 0.08 29.08 -1.23
CA SER A 9 0.93 28.87 -2.39
C SER A 9 1.51 27.47 -2.38
N ALA A 10 1.88 26.95 -3.56
CA ALA A 10 2.47 25.62 -3.69
C ALA A 10 3.76 25.46 -2.86
N LYS A 11 4.52 26.55 -2.71
CA LYS A 11 5.73 26.55 -1.90
C LYS A 11 5.43 26.46 -0.42
N ASP A 12 4.45 27.24 0.04
CA ASP A 12 4.06 27.20 1.46
C ASP A 12 3.53 25.82 1.85
N LEU A 13 2.68 25.25 1.01
CA LEU A 13 2.13 23.91 1.24
C LEU A 13 3.25 22.86 1.25
N ARG A 14 4.09 22.82 0.20
CA ARG A 14 5.26 21.91 0.15
C ARG A 14 6.04 21.91 1.46
N ASN A 15 6.45 23.10 1.89
CA ASN A 15 7.25 23.27 3.09
C ASN A 15 6.53 22.81 4.36
N ILE A 16 5.21 23.01 4.40
CA ILE A 16 4.36 22.52 5.48
C ILE A 16 4.36 21.00 5.53
N MET A 17 4.25 20.39 4.36
CA MET A 17 4.21 18.94 4.27
C MET A 17 5.59 18.34 4.52
N TYR A 18 6.64 19.01 4.02
CA TYR A 18 8.03 18.59 4.27
C TYR A 18 8.35 18.59 5.75
N ASP A 19 7.78 19.57 6.47
CA ASP A 19 7.99 19.72 7.92
C ASP A 19 7.32 18.62 8.77
N HIS A 20 6.44 17.84 8.14
CA HIS A 20 5.81 16.71 8.81
C HIS A 20 6.46 15.36 8.47
N LEU A 21 7.28 15.34 7.41
CA LEU A 21 7.89 14.10 6.94
C LEU A 21 9.19 13.72 7.64
N PRO A 22 9.29 12.45 8.09
CA PRO A 22 10.56 11.96 8.61
C PRO A 22 11.65 11.86 7.54
N GLY A 23 12.89 12.17 7.92
CA GLY A 23 14.02 12.11 7.01
C GLY A 23 13.95 13.10 5.86
N PHE A 24 14.74 12.84 4.83
CA PHE A 24 14.86 13.76 3.69
C PHE A 24 15.06 13.01 2.39
N GLY A 25 14.48 13.54 1.31
CA GLY A 25 14.65 12.97 -0.02
C GLY A 25 14.07 11.58 -0.18
N THR A 26 13.01 11.29 0.58
CA THR A 26 12.27 10.04 0.48
C THR A 26 11.22 10.14 -0.62
N ALA A 27 10.63 8.99 -0.98
CA ALA A 27 9.58 8.93 -2.00
C ALA A 27 8.38 9.81 -1.66
N PHE A 28 8.07 9.93 -0.37
CA PHE A 28 6.99 10.80 0.11
C PHE A 28 7.33 12.28 -0.01
N HIS A 29 8.64 12.59 0.03
CA HIS A 29 9.11 13.94 -0.24
C HIS A 29 8.87 14.27 -1.71
N GLN A 30 9.23 13.34 -2.60
CA GLN A 30 8.98 13.54 -4.02
C GLN A 30 7.49 13.69 -4.28
N LEU A 31 6.69 12.94 -3.52
CA LEU A 31 5.23 12.96 -3.68
C LEU A 31 4.65 14.31 -3.24
N VAL A 32 5.20 14.92 -2.19
CA VAL A 32 4.86 16.31 -1.84
C VAL A 32 5.03 17.27 -3.05
N GLN A 33 6.17 17.19 -3.74
CA GLN A 33 6.44 18.03 -4.90
C GLN A 33 5.42 17.78 -6.03
N VAL A 34 5.13 16.51 -6.27
CA VAL A 34 4.15 16.08 -7.28
C VAL A 34 2.74 16.55 -6.93
N ILE A 35 2.33 16.34 -5.68
CA ILE A 35 1.01 16.75 -5.21
C ILE A 35 0.80 18.27 -5.28
N CYS A 36 1.84 19.03 -4.99
CA CYS A 36 1.74 20.49 -4.97
C CYS A 36 1.82 21.14 -6.35
N LYS A 37 2.50 20.47 -7.28
CA LYS A 37 2.59 20.94 -8.66
C LYS A 37 1.30 20.65 -9.43
N LEU A 38 0.71 19.47 -9.20
CA LEU A 38 -0.58 19.15 -9.82
C LEU A 38 -1.72 19.93 -9.18
N GLY A 39 -1.60 20.21 -7.89
CA GLY A 39 -2.57 21.02 -7.17
C GLY A 39 -2.57 22.47 -7.58
N LYS A 40 -1.38 23.03 -7.86
CA LYS A 40 -1.27 24.41 -8.36
C LYS A 40 -1.84 24.55 -9.76
N ASP A 41 -1.48 23.60 -10.62
CA ASP A 41 -1.88 23.65 -12.04
C ASP A 41 -3.38 23.41 -12.23
N SER A 42 -3.99 22.71 -11.28
CA SER A 42 -5.44 22.49 -11.32
C SER A 42 -6.20 23.32 -10.28
N ASN A 43 -5.51 24.26 -9.64
CA ASN A 43 -6.09 25.16 -8.62
C ASN A 43 -6.81 24.40 -7.50
N SER A 44 -6.16 23.35 -6.99
CA SER A 44 -6.75 22.55 -5.93
C SER A 44 -5.87 22.46 -4.67
N LEU A 45 -4.93 23.41 -4.54
CA LEU A 45 -4.00 23.43 -3.42
C LEU A 45 -4.68 23.56 -2.06
N ASP A 46 -5.79 24.30 -2.03
CA ASP A 46 -6.58 24.54 -0.81
C ASP A 46 -7.37 23.31 -0.31
N ILE A 47 -7.91 22.51 -1.23
CA ILE A 47 -8.57 21.25 -0.84
C ILE A 47 -7.54 20.21 -0.39
N ILE A 48 -6.42 20.16 -1.10
CA ILE A 48 -5.26 19.34 -0.71
C ILE A 48 -4.76 19.74 0.68
N HIS A 49 -4.59 21.04 0.91
CA HIS A 49 -4.19 21.55 2.22
C HIS A 49 -5.17 21.16 3.35
N ALA A 50 -6.45 21.45 3.17
CA ALA A 50 -7.49 21.16 4.17
C ALA A 50 -7.61 19.67 4.47
N GLU A 51 -7.54 18.86 3.42
CA GLU A 51 -7.58 17.41 3.57
C GLU A 51 -6.38 16.86 4.34
N PHE A 52 -5.20 17.39 4.04
CA PHE A 52 -3.97 17.07 4.76
C PHE A 52 -4.10 17.33 6.28
N GLN A 53 -4.56 18.52 6.65
N GLN A 53 -4.56 18.53 6.62
CA GLN A 53 -4.68 18.92 8.07
CA GLN A 53 -4.75 18.98 8.01
C GLN A 53 -5.84 18.24 8.80
C GLN A 53 -5.77 18.13 8.76
N ALA A 54 -6.82 17.73 8.07
CA ALA A 54 -7.90 16.93 8.67
C ALA A 54 -7.42 15.53 9.02
N SER A 55 -6.62 14.92 8.13
CA SER A 55 -5.99 13.62 8.38
C SER A 55 -5.11 13.66 9.62
N LEU A 56 -4.27 14.69 9.73
CA LEU A 56 -3.41 14.88 10.89
C LEU A 56 -4.18 15.07 12.17
N ALA A 57 -5.30 15.79 12.10
CA ALA A 57 -6.13 16.05 13.28
C ALA A 57 -6.82 14.79 13.78
N GLU A 58 -7.06 13.85 12.87
CA GLU A 58 -7.67 12.56 13.20
C GLU A 58 -6.63 11.52 13.62
N GLY A 59 -5.35 11.89 13.49
CA GLY A 59 -4.25 11.08 14.02
C GLY A 59 -3.58 10.18 13.00
N ASP A 60 -3.82 10.43 11.72
CA ASP A 60 -3.11 9.74 10.64
C ASP A 60 -1.69 10.28 10.54
N SER A 61 -0.78 9.44 10.08
CA SER A 61 0.58 9.89 9.78
C SER A 61 0.55 10.81 8.54
N PRO A 62 1.51 11.73 8.42
CA PRO A 62 1.56 12.56 7.21
C PRO A 62 1.65 11.72 5.92
N GLN A 63 2.27 10.54 6.03
CA GLN A 63 2.41 9.62 4.92
C GLN A 63 1.06 9.04 4.53
N CYS A 64 0.30 8.61 5.53
CA CYS A 64 -1.08 8.21 5.34
C CYS A 64 -1.88 9.34 4.68
N ALA A 65 -1.71 10.55 5.19
CA ALA A 65 -2.41 11.74 4.67
C ALA A 65 -2.14 12.01 3.19
N LEU A 66 -0.89 11.81 2.78
CA LEU A 66 -0.49 11.97 1.37
C LEU A 66 -1.08 10.89 0.47
N ILE A 67 -1.11 9.64 0.93
CA ILE A 67 -1.75 8.55 0.20
C ILE A 67 -3.26 8.79 0.09
N GLN A 68 -3.87 9.23 1.20
CA GLN A 68 -5.28 9.62 1.23
C GLN A 68 -5.61 10.72 0.20
N ILE A 69 -4.71 11.69 0.07
CA ILE A 69 -4.86 12.73 -0.96
C ILE A 69 -4.92 12.15 -2.39
N THR A 70 -3.96 11.28 -2.73
CA THR A 70 -3.90 10.67 -4.08
C THR A 70 -5.18 9.91 -4.47
N LYS A 71 -5.93 9.47 -3.45
CA LYS A 71 -7.11 8.63 -3.64
C LYS A 71 -8.45 9.38 -3.55
N ARG A 72 -8.41 10.58 -2.98
CA ARG A 72 -9.64 11.34 -2.69
C ARG A 72 -9.78 12.63 -3.50
N VAL A 73 -8.66 13.29 -3.79
CA VAL A 73 -8.68 14.57 -4.54
C VAL A 73 -8.77 14.30 -6.05
N PRO A 74 -9.82 14.82 -6.72
CA PRO A 74 -10.11 14.52 -8.14
C PRO A 74 -8.91 14.54 -9.11
N ILE A 75 -7.99 15.49 -8.95
CA ILE A 75 -6.89 15.66 -9.92
C ILE A 75 -5.91 14.46 -9.96
N PHE A 76 -5.76 13.78 -8.83
CA PHE A 76 -4.85 12.62 -8.73
C PHE A 76 -5.54 11.33 -9.12
N GLN A 77 -6.87 11.33 -9.15
CA GLN A 77 -7.63 10.13 -9.49
C GLN A 77 -7.45 9.82 -10.98
N ASP A 78 -6.97 8.62 -11.25
CA ASP A 78 -6.67 8.14 -12.61
C ASP A 78 -5.54 8.91 -13.29
N ALA A 79 -4.90 9.80 -12.54
CA ALA A 79 -3.81 10.61 -13.07
C ALA A 79 -2.55 9.77 -13.30
N ALA A 80 -1.84 10.12 -14.36
CA ALA A 80 -0.55 9.52 -14.68
C ALA A 80 0.53 10.27 -13.89
N PRO A 81 1.63 9.58 -13.53
CA PRO A 81 2.74 10.27 -12.87
C PRO A 81 3.34 11.34 -13.80
N PRO A 82 3.74 12.50 -13.23
CA PRO A 82 4.36 13.50 -14.09
C PRO A 82 5.81 13.11 -14.41
N VAL A 83 6.33 13.59 -15.54
CA VAL A 83 7.71 13.34 -15.90
C VAL A 83 8.62 14.35 -15.19
N ILE A 84 9.74 13.83 -14.65
CA ILE A 84 10.82 14.69 -14.17
C ILE A 84 12.11 14.36 -14.91
N HIS A 85 12.69 15.38 -15.53
CA HIS A 85 13.97 15.24 -16.20
C HIS A 85 15.15 15.26 -15.26
N ILE A 86 16.05 14.31 -15.48
CA ILE A 86 17.26 14.13 -14.67
C ILE A 86 18.45 13.93 -15.60
N ARG A 87 19.65 14.30 -15.14
CA ARG A 87 20.88 14.13 -15.95
C ARG A 87 21.45 12.72 -15.74
N SER A 88 21.18 12.18 -14.56
CA SER A 88 21.68 10.87 -14.14
C SER A 88 20.90 10.47 -12.90
N ARG A 89 21.04 9.21 -12.49
CA ARG A 89 20.48 8.68 -11.24
C ARG A 89 20.90 9.47 -9.99
N GLY A 90 22.04 10.16 -10.06
CA GLY A 90 22.48 11.08 -9.00
C GLY A 90 21.55 12.26 -8.77
N ASP A 91 20.71 12.58 -9.75
CA ASP A 91 19.72 13.66 -9.63
C ASP A 91 18.43 13.26 -8.90
N ILE A 92 18.27 11.96 -8.67
CA ILE A 92 17.15 11.41 -7.90
C ILE A 92 17.36 11.62 -6.40
N PRO A 93 16.31 12.08 -5.68
CA PRO A 93 16.43 12.35 -4.24
C PRO A 93 17.08 11.18 -3.50
N ARG A 94 17.85 11.48 -2.46
CA ARG A 94 18.83 10.54 -1.94
C ARG A 94 18.30 9.32 -1.18
N ALA A 95 16.97 9.23 -0.99
CA ALA A 95 16.35 8.10 -0.33
C ALA A 95 15.21 7.50 -1.15
N CYS A 96 15.35 7.57 -2.47
CA CYS A 96 14.40 6.99 -3.43
C CYS A 96 15.00 5.89 -4.30
N GLN A 97 16.33 5.72 -4.25
CA GLN A 97 17.07 4.86 -5.19
C GLN A 97 16.61 3.39 -5.20
N LYS A 98 16.20 2.88 -4.05
CA LYS A 98 15.69 1.51 -3.94
C LYS A 98 14.19 1.36 -4.28
N SER A 99 13.56 2.46 -4.71
CA SER A 99 12.12 2.44 -5.02
C SER A 99 11.84 2.77 -6.50
N LEU A 100 12.80 2.45 -7.35
CA LEU A 100 12.75 2.74 -8.79
C LEU A 100 12.50 1.45 -9.57
N ARG A 101 11.66 1.55 -10.59
CA ARG A 101 11.42 0.41 -11.47
C ARG A 101 11.08 0.83 -12.91
N PRO A 102 11.15 -0.12 -13.85
CA PRO A 102 10.64 0.17 -15.18
C PRO A 102 9.20 0.68 -15.10
N VAL A 103 8.89 1.63 -15.97
CA VAL A 103 7.57 2.21 -16.05
C VAL A 103 6.63 1.19 -16.73
N PRO A 104 5.45 0.95 -16.14
CA PRO A 104 4.45 0.11 -16.78
C PRO A 104 3.71 0.92 -17.85
N PRO A 105 2.93 0.25 -18.71
CA PRO A 105 2.16 0.99 -19.73
C PRO A 105 1.21 2.06 -19.18
N SER A 106 0.53 1.76 -18.05
CA SER A 106 -0.43 2.71 -17.50
C SER A 106 -0.26 2.95 -16.01
N PRO A 107 0.82 3.66 -15.61
CA PRO A 107 1.01 3.89 -14.19
C PRO A 107 0.08 4.99 -13.67
N LYS A 108 -0.36 4.85 -12.42
CA LYS A 108 -1.28 5.79 -11.81
C LYS A 108 -0.74 6.28 -10.49
N ILE A 109 -0.97 7.55 -10.20
CA ILE A 109 -0.59 8.15 -8.91
C ILE A 109 -1.31 7.47 -7.74
N ASP A 110 -2.59 7.14 -7.91
CA ASP A 110 -3.36 6.44 -6.88
C ASP A 110 -3.01 4.95 -6.71
N ARG A 111 -2.02 4.49 -7.47
CA ARG A 111 -1.42 3.16 -7.26
C ARG A 111 0.05 3.24 -6.82
N GLY A 112 0.48 4.42 -6.38
CA GLY A 112 1.82 4.61 -5.84
C GLY A 112 2.91 4.99 -6.83
N TRP A 113 2.55 5.26 -8.09
CA TRP A 113 3.53 5.79 -9.07
C TRP A 113 3.66 7.30 -8.91
N VAL A 114 4.72 7.73 -8.23
CA VAL A 114 4.90 9.13 -7.81
C VAL A 114 5.23 10.03 -8.99
N CYS A 115 6.25 9.63 -9.75
CA CYS A 115 6.71 10.37 -10.91
C CYS A 115 7.43 9.42 -11.84
N VAL A 116 7.67 9.91 -13.06
CA VAL A 116 8.53 9.23 -14.00
C VAL A 116 9.82 10.06 -14.18
N PHE A 117 10.95 9.53 -13.71
CA PHE A 117 12.23 10.18 -13.97
C PHE A 117 12.65 9.85 -15.39
N GLN A 118 13.07 10.87 -16.15
CA GLN A 118 13.50 10.67 -17.54
C GLN A 118 14.93 11.14 -17.75
N LEU A 119 15.76 10.25 -18.31
CA LEU A 119 17.14 10.60 -18.64
C LEU A 119 17.25 11.36 -19.97
N GLN A 120 18.43 11.92 -20.23
CA GLN A 120 18.65 12.75 -21.42
C GLN A 120 18.49 11.97 -22.72
N ASP A 121 18.77 10.67 -22.66
CA ASP A 121 18.53 9.79 -23.81
C ASP A 121 17.08 9.29 -23.93
N GLY A 122 16.21 9.73 -23.01
CA GLY A 122 14.80 9.38 -23.03
C GLY A 122 14.40 8.15 -22.22
N LYS A 123 15.39 7.50 -21.61
CA LYS A 123 15.16 6.34 -20.74
C LYS A 123 14.42 6.80 -19.50
N THR A 124 13.45 5.99 -19.05
CA THR A 124 12.58 6.38 -17.92
C THR A 124 12.66 5.43 -16.75
N LEU A 125 12.49 5.97 -15.55
CA LEU A 125 12.49 5.19 -14.30
C LEU A 125 11.30 5.64 -13.47
N GLY A 126 10.43 4.69 -13.11
CA GLY A 126 9.27 4.98 -12.29
C GLY A 126 9.58 4.96 -10.80
N LEU A 127 9.20 6.04 -10.10
CA LEU A 127 9.25 6.06 -8.66
C LEU A 127 7.96 5.45 -8.09
N LYS A 128 8.10 4.38 -7.31
CA LYS A 128 6.96 3.58 -6.82
C LYS A 128 6.85 3.58 -5.27
N ILE A 129 5.64 3.89 -4.78
CA ILE A 129 5.24 3.67 -3.39
C ILE A 129 4.34 2.42 -3.30
N ASP B 7 -15.30 -15.47 -13.42
CA ASP B 7 -15.45 -15.89 -11.99
C ASP B 7 -14.53 -17.05 -11.65
N ILE B 8 -13.76 -16.85 -10.59
CA ILE B 8 -12.88 -17.88 -10.02
C ILE B 8 -13.40 -18.26 -8.64
N SER B 9 -13.34 -19.55 -8.30
CA SER B 9 -13.69 -20.04 -6.97
C SER B 9 -12.59 -19.72 -5.95
N ALA B 10 -12.95 -19.77 -4.66
CA ALA B 10 -12.02 -19.48 -3.56
C ALA B 10 -10.79 -20.38 -3.57
N LYS B 11 -11.01 -21.68 -3.76
CA LYS B 11 -9.94 -22.68 -3.83
C LYS B 11 -9.01 -22.48 -5.02
N ASP B 12 -9.56 -22.08 -6.16
CA ASP B 12 -8.74 -21.83 -7.35
C ASP B 12 -7.86 -20.60 -7.17
N LEU B 13 -8.43 -19.54 -6.60
CA LEU B 13 -7.67 -18.33 -6.31
C LEU B 13 -6.56 -18.60 -5.30
N ARG B 14 -6.88 -19.31 -4.22
CA ARG B 14 -5.85 -19.73 -3.25
C ARG B 14 -4.68 -20.43 -3.94
N ASN B 15 -5.00 -21.39 -4.81
CA ASN B 15 -4.00 -22.20 -5.51
C ASN B 15 -3.11 -21.41 -6.46
N ILE B 16 -3.68 -20.42 -7.14
CA ILE B 16 -2.94 -19.51 -8.01
C ILE B 16 -1.96 -18.69 -7.18
N MET B 17 -2.44 -18.20 -6.04
CA MET B 17 -1.65 -17.36 -5.12
C MET B 17 -0.52 -18.14 -4.43
N TYR B 18 -0.83 -19.35 -3.94
CA TYR B 18 0.15 -20.28 -3.39
C TYR B 18 1.21 -20.63 -4.43
N ASP B 19 0.78 -20.71 -5.67
CA ASP B 19 1.63 -20.96 -6.83
C ASP B 19 2.68 -19.85 -7.09
N HIS B 20 2.38 -18.63 -6.65
CA HIS B 20 3.30 -17.51 -6.82
C HIS B 20 4.20 -17.32 -5.62
N LEU B 21 3.78 -17.80 -4.45
CA LEU B 21 4.51 -17.55 -3.20
C LEU B 21 5.71 -18.47 -2.98
N PRO B 22 6.81 -17.91 -2.43
CA PRO B 22 7.91 -18.75 -1.97
C PRO B 22 7.58 -19.44 -0.64
N GLY B 23 8.15 -20.63 -0.44
CA GLY B 23 8.12 -21.27 0.85
C GLY B 23 6.83 -21.94 1.22
N PHE B 24 6.68 -22.21 2.52
CA PHE B 24 5.62 -23.07 3.02
C PHE B 24 5.20 -22.61 4.40
N GLY B 25 3.89 -22.40 4.58
CA GLY B 25 3.33 -22.04 5.88
C GLY B 25 3.83 -20.69 6.37
N THR B 26 4.02 -19.77 5.43
CA THR B 26 4.47 -18.43 5.73
C THR B 26 3.28 -17.55 6.13
N ALA B 27 3.57 -16.36 6.64
CA ALA B 27 2.52 -15.41 7.01
C ALA B 27 1.64 -15.02 5.82
N PHE B 28 2.25 -15.08 4.62
CA PHE B 28 1.57 -14.75 3.37
C PHE B 28 0.65 -15.87 2.83
N HIS B 29 0.99 -17.13 3.12
CA HIS B 29 0.07 -18.25 2.88
C HIS B 29 -1.17 -18.12 3.78
N GLN B 30 -0.96 -17.63 4.99
CA GLN B 30 -2.06 -17.40 5.91
C GLN B 30 -2.92 -16.24 5.41
N LEU B 31 -2.29 -15.18 4.92
CA LEU B 31 -2.98 -14.05 4.29
C LEU B 31 -3.82 -14.47 3.09
N VAL B 32 -3.30 -15.35 2.25
CA VAL B 32 -4.08 -15.93 1.14
C VAL B 32 -5.45 -16.52 1.59
N GLN B 33 -5.44 -17.26 2.70
CA GLN B 33 -6.64 -17.93 3.22
C GLN B 33 -7.66 -16.92 3.74
N VAL B 34 -7.17 -15.94 4.50
CA VAL B 34 -7.97 -14.81 4.99
C VAL B 34 -8.58 -14.05 3.81
N ILE B 35 -7.74 -13.66 2.85
CA ILE B 35 -8.20 -12.97 1.64
C ILE B 35 -9.31 -13.77 0.91
N CYS B 36 -9.07 -15.05 0.70
CA CYS B 36 -10.03 -15.88 -0.05
C CYS B 36 -11.35 -16.11 0.64
N LYS B 37 -11.31 -16.11 1.97
CA LYS B 37 -12.48 -16.32 2.80
C LYS B 37 -13.35 -15.06 2.85
N LEU B 38 -12.74 -13.90 3.09
CA LEU B 38 -13.44 -12.62 3.05
C LEU B 38 -13.94 -12.26 1.63
N GLY B 39 -13.10 -12.51 0.62
CA GLY B 39 -13.49 -12.36 -0.77
C GLY B 39 -14.67 -13.21 -1.19
N LYS B 40 -14.76 -14.42 -0.65
CA LYS B 40 -15.85 -15.33 -0.95
C LYS B 40 -17.16 -14.85 -0.33
N ASP B 41 -17.05 -14.27 0.87
CA ASP B 41 -18.21 -13.85 1.66
C ASP B 41 -18.79 -12.51 1.22
N SER B 42 -18.01 -11.74 0.46
CA SER B 42 -18.44 -10.45 -0.06
C SER B 42 -18.54 -10.50 -1.58
N ASN B 43 -18.42 -11.70 -2.14
CA ASN B 43 -18.28 -11.90 -3.58
C ASN B 43 -17.33 -10.87 -4.19
N SER B 44 -16.07 -10.94 -3.79
CA SER B 44 -15.04 -10.02 -4.27
C SER B 44 -13.91 -10.80 -4.93
N LEU B 45 -14.08 -12.11 -5.06
CA LEU B 45 -13.04 -13.02 -5.56
C LEU B 45 -12.43 -12.62 -6.90
N ASP B 46 -13.28 -12.16 -7.81
CA ASP B 46 -12.84 -11.72 -9.13
C ASP B 46 -12.06 -10.43 -9.15
N ILE B 47 -12.52 -9.44 -8.39
CA ILE B 47 -11.82 -8.16 -8.30
C ILE B 47 -10.53 -8.28 -7.48
N ILE B 48 -10.48 -9.27 -6.59
CA ILE B 48 -9.25 -9.62 -5.86
C ILE B 48 -8.24 -10.25 -6.83
N HIS B 49 -8.74 -11.15 -7.67
CA HIS B 49 -7.93 -11.78 -8.70
C HIS B 49 -7.39 -10.76 -9.73
N ALA B 50 -8.23 -9.84 -10.16
CA ALA B 50 -7.81 -8.75 -11.05
C ALA B 50 -6.70 -7.88 -10.40
N GLU B 51 -6.85 -7.57 -9.11
CA GLU B 51 -5.89 -6.77 -8.35
C GLU B 51 -4.56 -7.48 -8.05
N PHE B 52 -4.62 -8.77 -7.74
CA PHE B 52 -3.42 -9.59 -7.66
C PHE B 52 -2.61 -9.56 -8.96
N GLN B 53 -3.27 -9.83 -10.09
N GLN B 53 -3.29 -9.85 -10.07
CA GLN B 53 -2.57 -9.90 -11.36
CA GLN B 53 -2.66 -9.88 -11.40
C GLN B 53 -2.14 -8.52 -11.91
C GLN B 53 -2.09 -8.52 -11.76
N ALA B 54 -2.89 -7.47 -11.57
CA ALA B 54 -2.48 -6.08 -11.91
C ALA B 54 -1.24 -5.61 -11.15
N SER B 55 -1.13 -5.98 -9.86
CA SER B 55 0.03 -5.61 -9.04
C SER B 55 1.29 -6.34 -9.47
N LEU B 56 1.16 -7.62 -9.82
CA LEU B 56 2.27 -8.40 -10.37
C LEU B 56 2.76 -7.82 -11.68
N ALA B 57 1.82 -7.38 -12.52
CA ALA B 57 2.14 -6.88 -13.85
C ALA B 57 2.97 -5.61 -13.78
N GLU B 58 2.79 -4.84 -12.72
CA GLU B 58 3.56 -3.61 -12.55
C GLU B 58 4.82 -3.79 -11.67
N GLY B 59 5.16 -5.06 -11.38
CA GLY B 59 6.44 -5.39 -10.74
C GLY B 59 6.42 -5.65 -9.24
N ASP B 60 5.24 -5.82 -8.66
CA ASP B 60 5.14 -6.21 -7.25
C ASP B 60 5.52 -7.69 -7.05
N SER B 61 6.24 -7.97 -5.96
CA SER B 61 6.43 -9.35 -5.51
C SER B 61 5.03 -9.95 -5.25
N PRO B 62 4.92 -11.30 -5.23
CA PRO B 62 3.63 -11.90 -4.85
C PRO B 62 3.16 -11.49 -3.44
N GLN B 63 4.11 -11.37 -2.51
CA GLN B 63 3.84 -10.96 -1.13
C GLN B 63 3.23 -9.56 -1.09
N CYS B 64 3.89 -8.64 -1.79
CA CYS B 64 3.42 -7.27 -1.91
C CYS B 64 2.05 -7.19 -2.60
N ALA B 65 1.86 -8.03 -3.61
CA ALA B 65 0.59 -8.07 -4.36
C ALA B 65 -0.62 -8.46 -3.50
N LEU B 66 -0.40 -9.35 -2.53
CA LEU B 66 -1.39 -9.71 -1.50
C LEU B 66 -1.66 -8.57 -0.54
N ILE B 67 -0.61 -7.82 -0.21
CA ILE B 67 -0.73 -6.61 0.60
C ILE B 67 -1.56 -5.55 -0.13
N GLN B 68 -1.36 -5.43 -1.44
CA GLN B 68 -2.11 -4.52 -2.32
C GLN B 68 -3.61 -4.82 -2.39
N ILE B 69 -3.94 -6.10 -2.26
CA ILE B 69 -5.33 -6.55 -2.16
C ILE B 69 -6.00 -5.96 -0.90
N THR B 70 -5.31 -6.09 0.24
CA THR B 70 -5.82 -5.57 1.50
C THR B 70 -5.91 -4.03 1.49
N LYS B 71 -5.13 -3.38 0.64
CA LYS B 71 -5.09 -1.92 0.65
C LYS B 71 -6.03 -1.24 -0.35
N ARG B 72 -6.54 -2.02 -1.30
CA ARG B 72 -7.28 -1.49 -2.46
C ARG B 72 -8.63 -2.16 -2.67
N VAL B 73 -8.76 -3.43 -2.32
CA VAL B 73 -10.05 -4.10 -2.48
C VAL B 73 -10.97 -3.73 -1.31
N PRO B 74 -12.11 -3.07 -1.61
CA PRO B 74 -12.99 -2.45 -0.62
C PRO B 74 -13.38 -3.28 0.62
N ILE B 75 -13.54 -4.60 0.48
CA ILE B 75 -13.90 -5.43 1.64
C ILE B 75 -12.82 -5.45 2.73
N PHE B 76 -11.58 -5.19 2.35
CA PHE B 76 -10.49 -5.20 3.31
C PHE B 76 -10.26 -3.85 3.99
N GLN B 77 -10.94 -2.81 3.52
CA GLN B 77 -10.83 -1.47 4.13
C GLN B 77 -11.33 -1.52 5.56
N ASP B 78 -10.40 -1.30 6.49
CA ASP B 78 -10.70 -1.19 7.92
C ASP B 78 -11.22 -2.48 8.57
N ALA B 79 -11.16 -3.59 7.82
CA ALA B 79 -11.57 -4.92 8.29
C ALA B 79 -10.73 -5.42 9.45
N ALA B 80 -11.42 -5.97 10.45
CA ALA B 80 -10.81 -6.65 11.57
C ALA B 80 -10.33 -8.05 11.16
N PRO B 81 -9.17 -8.49 11.66
CA PRO B 81 -8.70 -9.84 11.32
C PRO B 81 -9.61 -10.95 11.90
N PRO B 82 -9.77 -12.06 11.19
CA PRO B 82 -10.56 -13.14 11.75
C PRO B 82 -9.88 -13.75 12.98
N VAL B 83 -10.68 -14.20 13.94
CA VAL B 83 -10.19 -14.99 15.05
C VAL B 83 -10.19 -16.46 14.62
N ILE B 84 -9.03 -17.12 14.74
CA ILE B 84 -8.90 -18.54 14.46
C ILE B 84 -8.61 -19.29 15.78
N HIS B 85 -9.53 -20.16 16.17
CA HIS B 85 -9.37 -20.95 17.39
C HIS B 85 -8.41 -22.12 17.27
N ILE B 86 -7.44 -22.13 18.18
CA ILE B 86 -6.40 -23.17 18.24
C ILE B 86 -6.33 -23.82 19.61
N ARG B 87 -5.68 -24.99 19.66
CA ARG B 87 -5.52 -25.72 20.91
C ARG B 87 -4.19 -25.38 21.56
N SER B 88 -3.15 -25.22 20.76
CA SER B 88 -1.83 -24.85 21.27
C SER B 88 -1.06 -23.98 20.29
N ARG B 89 0.04 -23.40 20.73
CA ARG B 89 0.88 -22.60 19.83
C ARG B 89 1.40 -23.41 18.63
N GLY B 90 1.64 -24.70 18.82
CA GLY B 90 2.10 -25.61 17.76
C GLY B 90 1.17 -25.79 16.57
N ASP B 91 -0.08 -25.33 16.71
CA ASP B 91 -1.09 -25.35 15.63
C ASP B 91 -0.91 -24.19 14.63
N ILE B 92 -0.06 -23.23 15.00
CA ILE B 92 0.31 -22.14 14.11
C ILE B 92 1.47 -22.63 13.24
N PRO B 93 1.36 -22.45 11.90
CA PRO B 93 2.45 -22.81 10.98
C PRO B 93 3.79 -22.22 11.43
N ARG B 94 4.85 -23.00 11.34
CA ARG B 94 6.13 -22.62 11.94
C ARG B 94 6.76 -21.34 11.38
N ALA B 95 6.59 -21.09 10.09
CA ALA B 95 7.14 -19.88 9.47
C ALA B 95 6.34 -18.61 9.81
N CYS B 96 5.22 -18.78 10.53
CA CYS B 96 4.43 -17.65 11.00
C CYS B 96 4.83 -17.17 12.38
N GLN B 97 5.51 -18.05 13.14
N GLN B 97 5.51 -18.03 13.15
CA GLN B 97 5.87 -17.82 14.54
CA GLN B 97 5.79 -17.74 14.57
C GLN B 97 6.63 -16.51 14.79
C GLN B 97 6.68 -16.52 14.83
N LYS B 98 7.57 -16.21 13.90
CA LYS B 98 8.37 -14.98 13.99
C LYS B 98 7.54 -13.71 13.83
N SER B 99 6.33 -13.87 13.27
CA SER B 99 5.46 -12.76 12.92
C SER B 99 4.31 -12.55 13.92
N LEU B 100 4.21 -13.47 14.89
CA LEU B 100 3.31 -13.33 16.04
C LEU B 100 3.69 -12.19 16.98
N ARG B 101 2.66 -11.53 17.51
CA ARG B 101 2.81 -10.52 18.54
C ARG B 101 1.46 -10.32 19.27
N PRO B 102 1.50 -9.74 20.48
CA PRO B 102 0.23 -9.42 21.14
C PRO B 102 -0.64 -8.48 20.28
N VAL B 103 -1.95 -8.71 20.26
CA VAL B 103 -2.89 -7.89 19.49
C VAL B 103 -3.00 -6.46 20.02
N PRO B 104 -3.25 -5.48 19.13
CA PRO B 104 -3.56 -4.12 19.52
C PRO B 104 -5.06 -4.00 19.90
N PRO B 105 -5.47 -2.83 20.43
CA PRO B 105 -6.89 -2.57 20.75
C PRO B 105 -7.87 -2.88 19.61
N SER B 106 -7.55 -2.45 18.39
CA SER B 106 -8.47 -2.55 17.25
C SER B 106 -7.69 -2.89 15.98
N PRO B 107 -7.23 -4.16 15.86
CA PRO B 107 -6.44 -4.50 14.69
C PRO B 107 -7.23 -4.42 13.39
N LYS B 108 -6.50 -4.14 12.33
CA LYS B 108 -7.06 -3.98 11.00
C LYS B 108 -6.20 -4.76 10.01
N ILE B 109 -6.86 -5.53 9.14
CA ILE B 109 -6.19 -6.28 8.08
C ILE B 109 -5.33 -5.37 7.18
N ASP B 110 -5.88 -4.22 6.76
CA ASP B 110 -5.15 -3.31 5.86
C ASP B 110 -3.96 -2.57 6.50
N ARG B 111 -3.74 -2.81 7.78
CA ARG B 111 -2.53 -2.36 8.50
C ARG B 111 -1.53 -3.51 8.81
N GLY B 112 -1.84 -4.72 8.37
CA GLY B 112 -0.91 -5.83 8.53
C GLY B 112 -1.38 -6.98 9.41
N TRP B 113 -2.43 -6.77 10.19
CA TRP B 113 -2.97 -7.82 11.06
C TRP B 113 -3.78 -8.87 10.28
N VAL B 114 -3.12 -9.98 9.98
CA VAL B 114 -3.66 -11.04 9.13
C VAL B 114 -4.79 -11.81 9.82
N CYS B 115 -4.51 -12.23 11.05
CA CYS B 115 -5.44 -13.01 11.85
C CYS B 115 -5.07 -12.93 13.32
N VAL B 116 -5.95 -13.47 14.15
CA VAL B 116 -5.72 -13.60 15.58
C VAL B 116 -5.95 -15.05 15.97
N PHE B 117 -4.88 -15.72 16.41
CA PHE B 117 -5.01 -17.07 16.94
C PHE B 117 -5.49 -17.01 18.37
N GLN B 118 -6.48 -17.83 18.69
CA GLN B 118 -7.03 -17.82 20.03
C GLN B 118 -7.04 -19.20 20.69
N LEU B 119 -6.44 -19.28 21.87
CA LEU B 119 -6.40 -20.52 22.67
C LEU B 119 -7.70 -20.73 23.44
N GLN B 120 -7.87 -21.94 23.99
CA GLN B 120 -9.10 -22.32 24.69
C GLN B 120 -9.41 -21.48 25.94
N ASP B 121 -8.36 -21.03 26.61
CA ASP B 121 -8.49 -20.11 27.76
C ASP B 121 -8.58 -18.65 27.36
N GLY B 122 -8.78 -18.39 26.06
CA GLY B 122 -9.01 -17.04 25.56
C GLY B 122 -7.77 -16.21 25.31
N LYS B 123 -6.59 -16.78 25.52
CA LYS B 123 -5.33 -16.07 25.23
C LYS B 123 -5.06 -15.97 23.72
N THR B 124 -4.52 -14.84 23.30
CA THR B 124 -4.40 -14.56 21.87
C THR B 124 -2.98 -14.33 21.37
N LEU B 125 -2.79 -14.57 20.08
CA LEU B 125 -1.53 -14.29 19.39
C LEU B 125 -1.91 -13.68 18.07
N GLY B 126 -1.54 -12.43 17.86
CA GLY B 126 -1.78 -11.77 16.56
C GLY B 126 -0.73 -12.12 15.53
N LEU B 127 -1.16 -12.19 14.26
CA LEU B 127 -0.22 -12.37 13.18
C LEU B 127 -0.14 -11.05 12.44
N LYS B 128 1.07 -10.49 12.42
CA LYS B 128 1.33 -9.20 11.83
C LYS B 128 2.43 -9.35 10.77
N ILE B 129 2.11 -9.05 9.52
CA ILE B 129 3.16 -8.88 8.50
C ILE B 129 3.66 -7.43 8.54
MG MG D . 12.24 15.47 7.70
MG MG E . 19.90 9.35 6.29
CL CL F . 19.30 16.00 3.12
CL CL G . 16.78 0.16 -9.84
CL CL H . 11.70 18.41 -14.87
MG MG I . -7.99 -5.92 20.66
MG MG J . 5.96 -22.15 -2.49
CL CL K . 1.66 -25.19 8.13
CL CL L . 8.98 -16.64 5.68
MG MG M . 9.54 5.64 12.09
#